data_1JSO
#
_entry.id   1JSO
#
_cell.length_a   130.902
_cell.length_b   130.902
_cell.length_c   254.409
_cell.angle_alpha   90.00
_cell.angle_beta   90.00
_cell.angle_gamma   120.00
#
_symmetry.space_group_name_H-M   'H 3 2'
#
loop_
_entity.id
_entity.type
_entity.pdbx_description
1 polymer 'HAEMAGGLUTININ (HA1 CHAIN)'
2 polymer 'HAEMAGGLUTININ (HA2 CHAIN)'
3 branched 2-acetamido-2-deoxy-beta-D-glucopyranose-(1-4)-2-acetamido-2-deoxy-beta-D-glucopyranose
4 non-polymer 2-acetamido-2-deoxy-beta-D-glucopyranose
5 non-polymer 'N-acetyl-alpha-neuraminic acid'
6 water water
#
loop_
_entity_poly.entity_id
_entity_poly.type
_entity_poly.pdbx_seq_one_letter_code
_entity_poly.pdbx_strand_id
1 'polypeptide(L)'
;DQICIGYHANNSTEQVDTIMEKNVTVTHAQDILEKTHNGKLCDLNGVKPLILRDCSVAGWLLGNPMCDEFLNVPEWSYIV
EKDNPVNGLCYPENFNDYEELKHLLSSTNHFEKIRIIPRSSWSNHDASSGVSSACPYNGRSSFFRNVVWLIKKNNAYPTI
KRSYNNTNQEDLLILWGIHHPNDAAEQTKLYQNPTTYVSVGTSTLNQRSVPEIATRPKVNGQSGRMEFFWTILKPNDAIN
FESNGNFIAPEYAYKIVKKGGSAIMKSGLEYGNCNTKCQTPMGAINSSMPFHNIHPLTIGECPKYVKSGRLVLATGLRNV
PQRET
;
A
2 'polypeptide(L)'
;GLFGAIAGFIEGGWQGMVDGWYGYHHSNEQGSGYAADKESTQKAIDGTTNKVNSIIDKMNTQFEAVGKEFNNLERRIENL
NKKMEDGFLDVWTYNAELLVLMENERTLDFHDSNVKNLYDKVRLQLRDNAKELGNGCFEFYHKCDNECMESVKNGTYDYP
QYSEEARLNREEISGV
;
B
#
loop_
_chem_comp.id
_chem_comp.type
_chem_comp.name
_chem_comp.formula
NAG D-saccharide, beta linking 2-acetamido-2-deoxy-beta-D-glucopyranose 'C8 H15 N O6'
SIA D-saccharide, alpha linking 'N-acetyl-alpha-neuraminic acid' 'C11 H19 N O9'
#
# COMPACT_ATOMS: atom_id res chain seq x y z
N ASP A 1 50.53 32.67 -21.06
CA ASP A 1 49.06 32.74 -21.30
C ASP A 1 48.47 31.33 -21.49
N GLN A 2 47.49 30.99 -20.67
CA GLN A 2 46.88 29.66 -20.72
C GLN A 2 45.36 29.60 -20.73
N ILE A 3 44.87 28.47 -21.24
CA ILE A 3 43.45 28.18 -21.28
C ILE A 3 43.37 26.73 -20.79
N CYS A 4 42.62 26.50 -19.71
CA CYS A 4 42.50 25.14 -19.18
C CYS A 4 41.05 24.62 -19.20
N ILE A 5 40.92 23.32 -19.41
CA ILE A 5 39.61 22.68 -19.42
C ILE A 5 39.44 22.03 -18.06
N GLY A 6 38.28 22.20 -17.44
CA GLY A 6 38.06 21.62 -16.13
C GLY A 6 36.62 21.30 -15.78
N TYR A 7 36.42 20.82 -14.55
CA TYR A 7 35.10 20.45 -14.10
C TYR A 7 34.75 20.95 -12.71
N HIS A 8 33.45 21.12 -12.48
CA HIS A 8 32.91 21.61 -11.22
C HIS A 8 33.32 20.81 -10.00
N ALA A 9 33.25 21.49 -8.85
CA ALA A 9 33.57 20.89 -7.57
C ALA A 9 32.88 21.76 -6.50
N ASN A 10 32.45 21.13 -5.41
CA ASN A 10 31.79 21.86 -4.34
C ASN A 10 32.02 21.21 -2.98
N ASN A 11 31.31 21.69 -1.98
CA ASN A 11 31.45 21.15 -0.63
C ASN A 11 30.43 20.05 -0.36
N SER A 12 29.85 19.51 -1.44
CA SER A 12 28.86 18.44 -1.32
C SER A 12 29.44 17.27 -0.56
N THR A 13 28.60 16.65 0.26
CA THR A 13 28.99 15.51 1.06
C THR A 13 28.16 14.29 0.64
N GLU A 14 27.20 14.51 -0.25
CA GLU A 14 26.33 13.46 -0.75
C GLU A 14 27.12 12.30 -1.36
N GLN A 15 26.69 11.08 -1.08
CA GLN A 15 27.36 9.89 -1.60
C GLN A 15 26.42 8.90 -2.29
N VAL A 16 26.95 8.22 -3.31
CA VAL A 16 26.19 7.23 -4.06
C VAL A 16 27.05 5.98 -4.19
N ASP A 17 26.43 4.86 -4.54
CA ASP A 17 27.17 3.62 -4.72
C ASP A 17 27.19 3.17 -6.18
N THR A 18 28.20 2.40 -6.53
CA THR A 18 28.35 1.83 -7.87
C THR A 18 28.82 0.38 -7.68
N ILE A 19 28.86 -0.39 -8.76
CA ILE A 19 29.27 -1.78 -8.70
C ILE A 19 30.70 -1.93 -8.17
N MET A 20 31.63 -1.19 -8.75
CA MET A 20 33.04 -1.27 -8.37
C MET A 20 33.46 -0.44 -7.17
N GLU A 21 32.65 0.53 -6.78
CA GLU A 21 33.02 1.37 -5.66
C GLU A 21 31.83 1.93 -4.91
N LYS A 22 31.91 1.88 -3.58
CA LYS A 22 30.84 2.38 -2.74
C LYS A 22 31.18 3.73 -2.13
N ASN A 23 30.15 4.49 -1.82
CA ASN A 23 30.32 5.79 -1.20
C ASN A 23 31.15 6.78 -1.99
N VAL A 24 30.83 6.95 -3.26
CA VAL A 24 31.56 7.92 -4.07
C VAL A 24 30.88 9.25 -3.77
N THR A 25 31.66 10.24 -3.35
CA THR A 25 31.09 11.55 -3.07
C THR A 25 30.85 12.24 -4.41
N VAL A 26 29.67 12.80 -4.60
CA VAL A 26 29.35 13.47 -5.85
C VAL A 26 28.87 14.91 -5.63
N THR A 27 29.06 15.75 -6.64
CA THR A 27 28.67 17.15 -6.56
C THR A 27 27.16 17.34 -6.43
N HIS A 28 26.41 16.42 -7.02
CA HIS A 28 24.95 16.49 -6.97
C HIS A 28 24.37 15.08 -7.01
N ALA A 29 23.30 14.88 -6.26
CA ALA A 29 22.63 13.58 -6.18
C ALA A 29 21.15 13.80 -5.99
N GLN A 30 20.38 12.73 -6.13
CA GLN A 30 18.95 12.83 -5.92
C GLN A 30 18.41 11.62 -5.16
N ASP A 31 17.90 11.88 -3.97
CA ASP A 31 17.33 10.84 -3.12
C ASP A 31 15.95 10.54 -3.73
N ILE A 32 15.65 9.26 -3.93
CA ILE A 32 14.36 8.90 -4.51
C ILE A 32 13.57 7.95 -3.62
N LEU A 33 14.01 7.83 -2.37
CA LEU A 33 13.37 6.94 -1.40
C LEU A 33 12.71 7.65 -0.22
N GLU A 34 11.38 7.60 -0.16
CA GLU A 34 10.64 8.22 0.94
C GLU A 34 10.77 7.29 2.15
N LYS A 35 11.25 7.83 3.27
CA LYS A 35 11.44 7.01 4.45
C LYS A 35 10.60 7.42 5.66
N THR A 36 9.72 8.39 5.48
CA THR A 36 8.88 8.86 6.59
C THR A 36 7.37 8.81 6.33
N HIS A 37 6.61 8.75 7.43
CA HIS A 37 5.16 8.73 7.40
C HIS A 37 4.69 9.55 8.61
N ASN A 38 3.40 9.86 8.71
CA ASN A 38 2.92 10.67 9.83
C ASN A 38 2.40 9.88 11.04
N GLY A 39 2.58 8.56 11.03
CA GLY A 39 2.13 7.75 12.14
C GLY A 39 0.66 7.79 12.46
N LYS A 40 -0.17 8.19 11.49
CA LYS A 40 -1.60 8.27 11.73
C LYS A 40 -2.42 7.56 10.64
N LEU A 41 -3.69 7.33 10.96
CA LEU A 41 -4.63 6.72 10.03
C LEU A 41 -5.55 7.87 9.63
N CYS A 42 -5.41 8.33 8.39
CA CYS A 42 -6.19 9.43 7.91
C CYS A 42 -7.32 9.08 6.96
N ASP A 43 -8.01 10.12 6.52
CA ASP A 43 -9.09 10.00 5.54
C ASP A 43 -8.38 9.83 4.22
N LEU A 44 -9.00 9.13 3.29
CA LEU A 44 -8.38 8.94 1.98
C LEU A 44 -9.13 9.87 1.03
N ASN A 45 -8.49 10.98 0.68
CA ASN A 45 -9.10 11.95 -0.21
C ASN A 45 -10.45 12.41 0.34
N GLY A 46 -10.47 12.78 1.62
CA GLY A 46 -11.69 13.26 2.24
C GLY A 46 -12.65 12.23 2.79
N VAL A 47 -12.45 10.95 2.46
CA VAL A 47 -13.36 9.92 2.96
C VAL A 47 -12.73 9.19 4.13
N LYS A 48 -13.43 9.23 5.26
CA LYS A 48 -12.95 8.60 6.46
C LYS A 48 -13.05 7.07 6.41
N PRO A 49 -12.11 6.38 7.06
CA PRO A 49 -12.12 4.93 7.06
C PRO A 49 -13.06 4.39 8.13
N LEU A 50 -13.33 3.09 8.07
CA LEU A 50 -14.15 2.42 9.07
C LEU A 50 -13.17 1.80 10.07
N ILE A 51 -13.08 2.38 11.27
CA ILE A 51 -12.19 1.89 12.30
C ILE A 51 -13.02 1.03 13.25
N LEU A 52 -12.86 -0.29 13.15
CA LEU A 52 -13.63 -1.22 13.95
C LEU A 52 -13.25 -1.27 15.43
N ARG A 53 -12.13 -0.64 15.78
CA ARG A 53 -11.67 -0.61 17.16
C ARG A 53 -11.58 -1.99 17.79
N ASP A 54 -12.42 -2.23 18.80
CA ASP A 54 -12.38 -3.52 19.48
C ASP A 54 -13.38 -4.56 18.95
N CYS A 55 -14.04 -4.24 17.83
CA CYS A 55 -14.97 -5.18 17.22
C CYS A 55 -14.38 -5.77 15.95
N SER A 56 -14.65 -7.05 15.71
CA SER A 56 -14.17 -7.71 14.51
C SER A 56 -15.25 -7.53 13.47
N VAL A 57 -14.95 -7.89 12.22
CA VAL A 57 -15.93 -7.78 11.16
C VAL A 57 -17.20 -8.56 11.54
N ALA A 58 -17.04 -9.72 12.17
CA ALA A 58 -18.22 -10.50 12.57
C ALA A 58 -18.99 -9.81 13.69
N GLY A 59 -18.26 -9.20 14.63
CA GLY A 59 -18.94 -8.51 15.71
C GLY A 59 -19.82 -7.43 15.11
N TRP A 60 -19.28 -6.75 14.11
CA TRP A 60 -20.00 -5.68 13.45
C TRP A 60 -21.21 -6.15 12.64
N LEU A 61 -20.99 -7.08 11.69
CA LEU A 61 -22.10 -7.55 10.84
C LEU A 61 -23.23 -8.28 11.57
N LEU A 62 -22.91 -9.15 12.52
CA LEU A 62 -23.95 -9.85 13.27
C LEU A 62 -24.61 -8.95 14.31
N GLY A 63 -23.90 -7.91 14.75
CA GLY A 63 -24.49 -7.01 15.72
C GLY A 63 -24.22 -7.34 17.18
N ASN A 64 -22.97 -7.70 17.49
CA ASN A 64 -22.57 -7.97 18.86
C ASN A 64 -22.97 -6.71 19.67
N PRO A 65 -23.73 -6.88 20.78
CA PRO A 65 -24.16 -5.75 21.61
C PRO A 65 -23.04 -4.76 21.97
N MET A 66 -21.80 -5.27 22.06
CA MET A 66 -20.67 -4.42 22.39
C MET A 66 -20.19 -3.60 21.19
N CYS A 67 -20.84 -3.76 20.04
CA CYS A 67 -20.46 -3.05 18.82
C CYS A 67 -21.51 -2.07 18.32
N ASP A 68 -22.33 -1.56 19.23
CA ASP A 68 -23.37 -0.61 18.83
C ASP A 68 -22.80 0.58 18.08
N GLU A 69 -21.51 0.87 18.28
CA GLU A 69 -20.92 1.98 17.56
C GLU A 69 -21.04 1.78 16.04
N PHE A 70 -21.20 0.54 15.60
CA PHE A 70 -21.28 0.31 14.16
C PHE A 70 -22.62 -0.20 13.63
N LEU A 71 -23.71 0.12 14.33
CA LEU A 71 -25.02 -0.33 13.89
C LEU A 71 -25.36 0.16 12.49
N ASN A 72 -24.98 1.40 12.17
CA ASN A 72 -25.27 1.98 10.86
C ASN A 72 -24.08 2.79 10.39
N VAL A 73 -22.98 2.13 10.03
CA VAL A 73 -21.80 2.84 9.59
C VAL A 73 -22.03 3.47 8.22
N PRO A 74 -21.41 4.63 7.97
CA PRO A 74 -21.58 5.28 6.67
C PRO A 74 -20.51 4.79 5.69
N GLU A 75 -20.49 5.40 4.51
CA GLU A 75 -19.53 5.07 3.46
C GLU A 75 -18.12 5.19 4.01
N TRP A 76 -17.23 4.30 3.59
CA TRP A 76 -15.85 4.33 4.07
C TRP A 76 -14.86 4.24 2.90
N SER A 77 -13.62 4.61 3.15
CA SER A 77 -12.55 4.55 2.15
C SER A 77 -11.85 3.19 2.30
N TYR A 78 -11.36 2.88 3.49
CA TYR A 78 -10.73 1.59 3.78
C TYR A 78 -11.19 1.15 5.16
N ILE A 79 -10.92 -0.10 5.52
CA ILE A 79 -11.33 -0.61 6.82
C ILE A 79 -10.13 -1.01 7.65
N VAL A 80 -10.18 -0.69 8.94
CA VAL A 80 -9.11 -1.03 9.85
C VAL A 80 -9.63 -1.91 10.97
N GLU A 81 -9.00 -3.05 11.14
CA GLU A 81 -9.38 -4.02 12.17
C GLU A 81 -8.10 -4.30 12.95
N LYS A 82 -8.23 -4.63 14.23
CA LYS A 82 -7.05 -4.95 15.03
C LYS A 82 -6.75 -6.42 14.78
N ASP A 83 -5.57 -6.86 15.23
CA ASP A 83 -5.17 -8.23 15.02
C ASP A 83 -6.09 -9.20 15.74
N ASN A 84 -6.40 -8.88 16.99
CA ASN A 84 -7.27 -9.75 17.76
C ASN A 84 -8.33 -8.93 18.51
N PRO A 85 -9.39 -8.51 17.80
CA PRO A 85 -10.47 -7.72 18.42
C PRO A 85 -11.12 -8.59 19.48
N VAL A 86 -11.39 -8.03 20.65
CA VAL A 86 -12.00 -8.81 21.71
C VAL A 86 -13.48 -9.07 21.46
N ASN A 87 -14.13 -8.15 20.75
CA ASN A 87 -15.56 -8.31 20.49
C ASN A 87 -15.91 -8.84 19.11
N GLY A 88 -16.14 -10.15 19.06
CA GLY A 88 -16.54 -10.80 17.82
C GLY A 88 -17.77 -11.62 18.12
N LEU A 89 -17.60 -12.93 18.22
CA LEU A 89 -18.70 -13.82 18.52
C LEU A 89 -18.92 -13.94 20.03
N CYS A 90 -19.72 -13.03 20.60
CA CYS A 90 -19.99 -13.05 22.03
C CYS A 90 -20.47 -14.46 22.41
N TYR A 91 -21.50 -14.98 21.74
CA TYR A 91 -21.90 -16.35 22.04
C TYR A 91 -20.94 -17.14 21.12
N PRO A 92 -20.13 -18.06 21.69
CA PRO A 92 -19.15 -18.85 20.93
C PRO A 92 -19.68 -19.59 19.70
N GLU A 93 -18.80 -19.84 18.74
CA GLU A 93 -19.24 -20.56 17.56
C GLU A 93 -18.33 -20.39 16.37
N ASN A 94 -18.89 -20.68 15.19
CA ASN A 94 -18.16 -20.59 13.94
C ASN A 94 -18.87 -19.70 12.91
N PHE A 95 -18.07 -19.05 12.07
CA PHE A 95 -18.62 -18.21 11.02
C PHE A 95 -18.15 -18.83 9.70
N ASN A 96 -19.05 -19.46 8.96
CA ASN A 96 -18.69 -20.09 7.68
C ASN A 96 -18.14 -19.14 6.64
N ASP A 97 -17.09 -19.60 5.95
CA ASP A 97 -16.42 -18.83 4.91
C ASP A 97 -16.18 -17.38 5.35
N TYR A 98 -15.71 -17.23 6.58
CA TYR A 98 -15.44 -15.92 7.16
C TYR A 98 -14.40 -15.14 6.35
N GLU A 99 -13.31 -15.78 5.98
CA GLU A 99 -12.26 -15.12 5.22
C GLU A 99 -12.73 -14.67 3.82
N GLU A 100 -13.61 -15.44 3.19
CA GLU A 100 -14.12 -15.06 1.88
C GLU A 100 -15.06 -13.85 2.04
N LEU A 101 -15.82 -13.80 3.13
CA LEU A 101 -16.71 -12.66 3.35
C LEU A 101 -15.84 -11.43 3.59
N LYS A 102 -14.74 -11.59 4.33
CA LYS A 102 -13.85 -10.45 4.60
C LYS A 102 -13.23 -9.96 3.29
N HIS A 103 -12.89 -10.91 2.41
CA HIS A 103 -12.30 -10.55 1.13
C HIS A 103 -13.32 -9.77 0.29
N LEU A 104 -14.58 -10.19 0.37
CA LEU A 104 -15.65 -9.51 -0.36
C LEU A 104 -15.74 -8.06 0.14
N LEU A 105 -15.67 -7.86 1.45
CA LEU A 105 -15.71 -6.51 2.02
C LEU A 105 -14.62 -5.64 1.39
N SER A 106 -13.44 -6.22 1.22
CA SER A 106 -12.31 -5.49 0.67
C SER A 106 -12.56 -4.87 -0.72
N SER A 107 -13.66 -5.25 -1.38
CA SER A 107 -13.96 -4.69 -2.71
C SER A 107 -15.24 -3.85 -2.69
N THR A 108 -15.64 -3.37 -1.53
CA THR A 108 -16.86 -2.56 -1.42
C THR A 108 -16.60 -1.36 -0.53
N ASN A 109 -17.40 -0.32 -0.65
CA ASN A 109 -17.20 0.87 0.19
C ASN A 109 -18.38 1.19 1.07
N HIS A 110 -19.44 0.39 0.95
CA HIS A 110 -20.59 0.66 1.77
C HIS A 110 -21.57 -0.49 1.87
N PHE A 111 -22.00 -0.73 3.10
CA PHE A 111 -22.97 -1.75 3.44
C PHE A 111 -24.13 -0.99 4.06
N GLU A 112 -25.22 -0.79 3.32
CA GLU A 112 -26.39 -0.08 3.86
C GLU A 112 -27.32 -1.11 4.51
N LYS A 113 -27.53 -0.99 5.82
CA LYS A 113 -28.37 -1.95 6.52
C LYS A 113 -29.86 -1.74 6.33
N ILE A 114 -30.58 -2.82 6.06
CA ILE A 114 -32.03 -2.75 5.91
C ILE A 114 -32.70 -3.93 6.62
N ARG A 115 -33.92 -3.70 7.08
CA ARG A 115 -34.69 -4.72 7.80
C ARG A 115 -35.51 -5.55 6.82
N ILE A 116 -35.09 -6.79 6.58
CA ILE A 116 -35.81 -7.66 5.66
C ILE A 116 -36.89 -8.53 6.31
N ILE A 117 -36.75 -8.77 7.61
CA ILE A 117 -37.73 -9.59 8.33
C ILE A 117 -38.01 -9.04 9.74
N PRO A 118 -39.07 -8.22 9.89
CA PRO A 118 -39.43 -7.64 11.18
C PRO A 118 -39.45 -8.67 12.30
N ARG A 119 -38.87 -8.30 13.42
CA ARG A 119 -38.80 -9.16 14.59
C ARG A 119 -40.20 -9.42 15.14
N SER A 120 -41.14 -8.51 14.85
CA SER A 120 -42.52 -8.60 15.30
C SER A 120 -43.32 -9.52 14.38
N SER A 121 -42.67 -10.00 13.35
CA SER A 121 -43.29 -10.87 12.36
C SER A 121 -43.40 -12.34 12.80
N TRP A 122 -42.81 -12.67 13.94
CA TRP A 122 -42.88 -14.05 14.43
C TRP A 122 -44.03 -14.18 15.43
N SER A 123 -45.22 -14.49 14.91
CA SER A 123 -46.40 -14.61 15.76
C SER A 123 -46.54 -15.96 16.47
N ASN A 124 -46.03 -17.03 15.87
CA ASN A 124 -46.12 -18.35 16.49
C ASN A 124 -44.83 -18.80 17.14
N HIS A 125 -43.91 -17.87 17.37
CA HIS A 125 -42.64 -18.20 18.01
C HIS A 125 -42.23 -17.09 18.97
N ASP A 126 -41.45 -17.46 19.97
CA ASP A 126 -40.95 -16.51 20.97
C ASP A 126 -39.74 -15.86 20.33
N ALA A 127 -39.80 -14.54 20.16
CA ALA A 127 -38.68 -13.80 19.57
C ALA A 127 -38.08 -12.84 20.59
N SER A 128 -38.36 -13.08 21.88
CA SER A 128 -37.86 -12.21 22.93
C SER A 128 -36.97 -12.89 23.96
N SER A 129 -37.09 -14.20 24.11
CA SER A 129 -36.29 -14.92 25.08
C SER A 129 -34.93 -15.37 24.54
N GLY A 130 -34.69 -15.15 23.26
CA GLY A 130 -33.44 -15.57 22.67
C GLY A 130 -32.24 -14.74 23.10
N VAL A 131 -31.84 -14.88 24.37
CA VAL A 131 -30.71 -14.13 24.89
C VAL A 131 -29.73 -14.98 25.69
N SER A 132 -28.56 -14.41 25.97
CA SER A 132 -27.53 -15.14 26.69
C SER A 132 -26.60 -14.24 27.50
N SER A 133 -26.16 -14.76 28.64
CA SER A 133 -25.24 -14.03 29.49
C SER A 133 -23.89 -13.88 28.78
N ALA A 134 -23.72 -14.59 27.66
CA ALA A 134 -22.47 -14.51 26.89
C ALA A 134 -22.42 -13.23 26.04
N CYS A 135 -23.59 -12.62 25.85
CA CYS A 135 -23.71 -11.38 25.07
C CYS A 135 -24.43 -10.33 25.92
N PRO A 136 -23.78 -9.89 27.01
CA PRO A 136 -24.41 -8.90 27.89
C PRO A 136 -24.54 -7.49 27.31
N TYR A 137 -25.53 -6.76 27.82
CA TYR A 137 -25.75 -5.36 27.45
C TYR A 137 -26.50 -4.70 28.61
N ASN A 138 -26.00 -3.55 29.06
CA ASN A 138 -26.61 -2.84 30.19
C ASN A 138 -26.88 -3.78 31.36
N GLY A 139 -25.88 -4.59 31.69
CA GLY A 139 -25.99 -5.53 32.78
C GLY A 139 -26.91 -6.72 32.62
N ARG A 140 -27.52 -6.90 31.45
CA ARG A 140 -28.40 -8.06 31.25
C ARG A 140 -28.09 -8.89 30.02
N SER A 141 -28.63 -10.10 30.00
CA SER A 141 -28.42 -11.00 28.88
C SER A 141 -29.01 -10.42 27.60
N SER A 142 -28.22 -10.45 26.53
CA SER A 142 -28.69 -9.94 25.25
C SER A 142 -28.24 -10.88 24.12
N PHE A 143 -28.08 -10.36 22.91
CA PHE A 143 -27.69 -11.21 21.79
C PHE A 143 -27.38 -10.38 20.56
N PHE A 144 -26.75 -10.99 19.56
CA PHE A 144 -26.44 -10.25 18.33
C PHE A 144 -27.74 -9.55 17.93
N ARG A 145 -27.66 -8.27 17.57
CA ARG A 145 -28.87 -7.52 17.23
C ARG A 145 -29.43 -7.72 15.82
N ASN A 146 -28.60 -8.11 14.87
CA ASN A 146 -29.11 -8.25 13.51
C ASN A 146 -29.81 -9.57 13.17
N VAL A 147 -29.73 -10.53 14.09
CA VAL A 147 -30.37 -11.82 13.86
C VAL A 147 -31.24 -12.15 15.07
N VAL A 148 -32.14 -13.11 14.92
CA VAL A 148 -33.03 -13.48 16.02
C VAL A 148 -32.94 -14.94 16.46
N TRP A 149 -32.68 -15.13 17.74
CA TRP A 149 -32.58 -16.47 18.29
C TRP A 149 -34.02 -16.86 18.70
N LEU A 150 -34.74 -17.49 17.77
CA LEU A 150 -36.13 -17.90 18.02
C LEU A 150 -36.29 -19.06 19.00
N ILE A 151 -37.25 -18.93 19.90
CA ILE A 151 -37.54 -19.95 20.90
C ILE A 151 -38.97 -20.46 20.69
N LYS A 152 -39.28 -21.63 21.25
CA LYS A 152 -40.62 -22.20 21.11
C LYS A 152 -41.62 -21.32 21.85
N LYS A 153 -42.90 -21.45 21.50
CA LYS A 153 -43.95 -20.68 22.15
C LYS A 153 -45.09 -21.63 22.51
N ASN A 154 -45.62 -21.49 23.72
CA ASN A 154 -46.69 -22.35 24.20
C ASN A 154 -46.33 -23.81 23.98
N ASN A 155 -45.10 -24.17 24.34
CA ASN A 155 -44.62 -25.55 24.22
C ASN A 155 -44.69 -26.12 22.82
N ALA A 156 -44.44 -25.27 21.84
CA ALA A 156 -44.47 -25.71 20.45
C ALA A 156 -43.54 -24.86 19.61
N TYR A 157 -43.11 -25.43 18.50
CA TYR A 157 -42.25 -24.74 17.54
C TYR A 157 -42.79 -25.11 16.17
N PRO A 158 -43.94 -24.56 15.79
CA PRO A 158 -44.45 -24.93 14.46
C PRO A 158 -43.42 -24.62 13.38
N THR A 159 -43.35 -25.46 12.36
CA THR A 159 -42.40 -25.29 11.27
C THR A 159 -42.46 -23.89 10.65
N ILE A 160 -41.29 -23.31 10.43
CA ILE A 160 -41.19 -21.99 9.85
C ILE A 160 -41.03 -22.06 8.32
N LYS A 161 -41.72 -21.15 7.64
CA LYS A 161 -41.65 -21.03 6.19
C LYS A 161 -41.62 -19.54 5.86
N ARG A 162 -40.42 -19.03 5.60
CA ARG A 162 -40.29 -17.63 5.26
C ARG A 162 -39.54 -17.44 3.96
N SER A 163 -39.97 -16.43 3.22
CA SER A 163 -39.36 -16.13 1.95
C SER A 163 -39.15 -14.63 1.86
N TYR A 164 -38.05 -14.23 1.25
CA TYR A 164 -37.75 -12.81 1.08
C TYR A 164 -37.28 -12.57 -0.34
N ASN A 165 -37.88 -11.59 -1.00
CA ASN A 165 -37.52 -11.26 -2.37
C ASN A 165 -36.69 -9.97 -2.39
N ASN A 166 -35.52 -10.02 -3.02
CA ASN A 166 -34.70 -8.82 -3.09
C ASN A 166 -35.20 -7.84 -4.14
N THR A 167 -36.09 -6.95 -3.72
CA THR A 167 -36.66 -5.93 -4.59
C THR A 167 -35.78 -4.69 -4.70
N ASN A 168 -34.52 -4.81 -4.27
CA ASN A 168 -33.59 -3.68 -4.33
C ASN A 168 -32.71 -3.79 -5.57
N GLN A 169 -31.95 -2.74 -5.85
CA GLN A 169 -31.06 -2.72 -7.03
C GLN A 169 -29.72 -3.36 -6.70
N GLU A 170 -29.37 -3.35 -5.43
CA GLU A 170 -28.08 -3.88 -4.99
C GLU A 170 -28.12 -5.33 -4.52
N ASP A 171 -26.97 -5.99 -4.60
CA ASP A 171 -26.82 -7.36 -4.12
C ASP A 171 -27.08 -7.22 -2.62
N LEU A 172 -27.68 -8.23 -2.02
CA LEU A 172 -27.98 -8.19 -0.59
C LEU A 172 -27.20 -9.26 0.16
N LEU A 173 -26.44 -8.85 1.17
CA LEU A 173 -25.69 -9.81 2.00
C LEU A 173 -26.62 -10.23 3.12
N ILE A 174 -26.94 -11.51 3.17
CA ILE A 174 -27.85 -12.03 4.20
C ILE A 174 -27.11 -12.97 5.13
N LEU A 175 -27.33 -12.80 6.43
CA LEU A 175 -26.69 -13.60 7.46
C LEU A 175 -27.74 -14.27 8.31
N TRP A 176 -27.47 -15.52 8.70
CA TRP A 176 -28.36 -16.29 9.56
C TRP A 176 -27.51 -17.34 10.22
N GLY A 177 -28.10 -18.14 11.12
CA GLY A 177 -27.31 -19.14 11.80
C GLY A 177 -28.15 -20.28 12.31
N ILE A 178 -27.52 -21.19 13.04
CA ILE A 178 -28.21 -22.33 13.61
C ILE A 178 -27.53 -22.57 14.97
N HIS A 179 -28.29 -23.06 15.95
CA HIS A 179 -27.74 -23.31 17.28
C HIS A 179 -27.43 -24.80 17.50
N HIS A 180 -26.27 -25.06 18.08
CA HIS A 180 -25.84 -26.42 18.41
C HIS A 180 -25.93 -26.55 19.94
N PRO A 181 -27.03 -27.14 20.46
CA PRO A 181 -27.20 -27.29 21.90
C PRO A 181 -26.14 -28.18 22.53
N ASN A 182 -26.17 -28.30 23.86
CA ASN A 182 -25.20 -29.15 24.53
C ASN A 182 -25.74 -30.55 24.80
N ASP A 183 -27.05 -30.71 24.71
CA ASP A 183 -27.64 -32.03 24.91
C ASP A 183 -29.12 -32.04 24.54
N ALA A 184 -29.66 -33.25 24.43
CA ALA A 184 -31.07 -33.45 24.06
C ALA A 184 -32.02 -32.69 24.95
N ALA A 185 -31.73 -32.67 26.25
CA ALA A 185 -32.61 -31.95 27.17
C ALA A 185 -32.68 -30.47 26.79
N GLU A 186 -31.55 -29.90 26.40
CA GLU A 186 -31.55 -28.49 26.01
C GLU A 186 -32.36 -28.30 24.72
N GLN A 187 -32.17 -29.20 23.76
CA GLN A 187 -32.90 -29.14 22.50
C GLN A 187 -34.40 -29.01 22.80
N THR A 188 -34.93 -29.91 23.63
CA THR A 188 -36.35 -29.91 23.97
C THR A 188 -36.82 -28.64 24.70
N LYS A 189 -36.01 -28.14 25.63
CA LYS A 189 -36.36 -26.94 26.37
C LYS A 189 -36.45 -25.70 25.49
N LEU A 190 -35.59 -25.60 24.49
CA LEU A 190 -35.61 -24.42 23.64
C LEU A 190 -36.49 -24.53 22.39
N TYR A 191 -36.45 -25.68 21.72
CA TYR A 191 -37.23 -25.85 20.49
C TYR A 191 -38.36 -26.87 20.49
N GLN A 192 -38.46 -27.65 21.56
CA GLN A 192 -39.50 -28.66 21.69
C GLN A 192 -39.30 -29.86 20.77
N ASN A 193 -39.24 -29.63 19.45
CA ASN A 193 -39.03 -30.74 18.53
C ASN A 193 -37.59 -31.23 18.64
N PRO A 194 -37.37 -32.54 18.82
CA PRO A 194 -36.04 -33.14 18.97
C PRO A 194 -35.20 -33.25 17.70
N THR A 195 -35.85 -33.47 16.56
CA THR A 195 -35.15 -33.62 15.29
C THR A 195 -35.48 -32.42 14.42
N THR A 196 -34.47 -31.57 14.22
CA THR A 196 -34.67 -30.35 13.46
C THR A 196 -33.63 -30.02 12.40
N TYR A 197 -33.91 -28.95 11.66
CA TYR A 197 -33.00 -28.54 10.60
C TYR A 197 -33.27 -27.10 10.19
N VAL A 198 -32.38 -26.57 9.36
CA VAL A 198 -32.53 -25.24 8.81
C VAL A 198 -32.20 -25.37 7.33
N SER A 199 -33.23 -25.30 6.49
CA SER A 199 -33.04 -25.40 5.05
C SER A 199 -33.16 -24.02 4.46
N VAL A 200 -32.23 -23.69 3.58
CA VAL A 200 -32.22 -22.40 2.89
C VAL A 200 -32.05 -22.63 1.38
N GLY A 201 -32.79 -21.87 0.58
CA GLY A 201 -32.67 -22.03 -0.85
C GLY A 201 -32.92 -20.78 -1.67
N THR A 202 -31.97 -20.48 -2.56
CA THR A 202 -32.10 -19.33 -3.47
C THR A 202 -31.99 -19.98 -4.86
N SER A 203 -31.78 -19.16 -5.88
CA SER A 203 -31.66 -19.70 -7.23
C SER A 203 -30.38 -20.49 -7.38
N THR A 204 -29.38 -20.13 -6.59
CA THR A 204 -28.08 -20.78 -6.65
C THR A 204 -27.72 -21.54 -5.39
N LEU A 205 -28.23 -21.10 -4.25
CA LEU A 205 -27.94 -21.76 -2.98
C LEU A 205 -28.90 -22.90 -2.62
N ASN A 206 -28.35 -24.02 -2.20
CA ASN A 206 -29.15 -25.15 -1.75
C ASN A 206 -28.45 -25.66 -0.49
N GLN A 207 -29.15 -25.63 0.65
CA GLN A 207 -28.56 -26.04 1.93
C GLN A 207 -29.57 -26.44 2.99
N ARG A 208 -29.18 -27.42 3.82
CA ARG A 208 -30.01 -27.93 4.90
C ARG A 208 -29.07 -28.28 6.05
N SER A 209 -29.07 -27.46 7.10
CA SER A 209 -28.20 -27.69 8.25
C SER A 209 -28.98 -28.38 9.36
N VAL A 210 -28.30 -29.26 10.09
CA VAL A 210 -28.93 -29.96 11.21
C VAL A 210 -28.11 -29.65 12.46
N PRO A 211 -28.78 -29.53 13.61
CA PRO A 211 -28.01 -29.23 14.82
C PRO A 211 -27.17 -30.43 15.24
N GLU A 212 -25.96 -30.14 15.72
CA GLU A 212 -25.05 -31.18 16.19
C GLU A 212 -24.94 -31.03 17.71
N ILE A 213 -25.97 -31.54 18.39
CA ILE A 213 -26.11 -31.53 19.84
C ILE A 213 -25.00 -32.29 20.54
N ALA A 214 -24.06 -31.57 21.14
CA ALA A 214 -22.92 -32.17 21.85
C ALA A 214 -22.54 -31.34 23.09
N THR A 215 -21.61 -31.83 23.88
CA THR A 215 -21.18 -31.10 25.08
C THR A 215 -19.70 -30.70 24.91
N ARG A 216 -19.40 -29.41 25.09
CA ARG A 216 -18.03 -28.94 24.93
C ARG A 216 -17.60 -27.94 26.01
N PRO A 217 -16.30 -27.60 26.05
CA PRO A 217 -15.77 -26.66 27.04
C PRO A 217 -16.49 -25.31 27.01
N LYS A 218 -16.53 -24.63 28.15
CA LYS A 218 -17.19 -23.34 28.21
C LYS A 218 -16.34 -22.20 27.68
N VAL A 219 -16.96 -21.38 26.82
CA VAL A 219 -16.32 -20.23 26.23
C VAL A 219 -17.34 -19.14 26.51
N ASN A 220 -16.92 -18.10 27.20
CA ASN A 220 -17.81 -17.00 27.59
C ASN A 220 -19.01 -17.59 28.33
N GLY A 221 -18.72 -18.57 29.19
CA GLY A 221 -19.74 -19.23 29.99
C GLY A 221 -20.67 -20.18 29.28
N GLN A 222 -20.46 -20.40 27.99
CA GLN A 222 -21.34 -21.28 27.23
C GLN A 222 -20.64 -22.51 26.66
N SER A 223 -21.31 -23.64 26.73
CA SER A 223 -20.77 -24.86 26.19
C SER A 223 -21.50 -25.16 24.88
N GLY A 224 -22.48 -24.29 24.58
CA GLY A 224 -23.23 -24.43 23.37
C GLY A 224 -22.51 -23.64 22.30
N ARG A 225 -22.90 -23.80 21.05
CA ARG A 225 -22.24 -23.05 19.98
C ARG A 225 -23.24 -22.60 18.94
N MET A 226 -22.93 -21.47 18.32
CA MET A 226 -23.74 -20.91 17.25
C MET A 226 -22.93 -21.09 15.97
N GLU A 227 -23.59 -21.40 14.86
CA GLU A 227 -22.89 -21.50 13.59
C GLU A 227 -23.56 -20.53 12.64
N PHE A 228 -22.80 -19.58 12.10
CA PHE A 228 -23.33 -18.58 11.17
C PHE A 228 -22.96 -18.79 9.70
N PHE A 229 -23.92 -18.50 8.84
CA PHE A 229 -23.79 -18.63 7.39
C PHE A 229 -24.09 -17.30 6.73
N TRP A 230 -23.81 -17.23 5.43
CA TRP A 230 -24.10 -16.02 4.67
C TRP A 230 -24.19 -16.33 3.20
N THR A 231 -24.91 -15.47 2.49
CA THR A 231 -25.07 -15.60 1.06
C THR A 231 -25.40 -14.25 0.47
N ILE A 232 -25.19 -14.12 -0.84
CA ILE A 232 -25.50 -12.88 -1.52
C ILE A 232 -26.74 -13.14 -2.34
N LEU A 233 -27.80 -12.41 -2.02
CA LEU A 233 -29.06 -12.56 -2.74
C LEU A 233 -29.06 -11.52 -3.86
N LYS A 234 -29.05 -11.99 -5.09
CA LYS A 234 -29.07 -11.10 -6.25
C LYS A 234 -30.39 -10.34 -6.35
N PRO A 235 -30.38 -9.19 -7.05
CA PRO A 235 -31.63 -8.43 -7.20
C PRO A 235 -32.66 -9.33 -7.89
N ASN A 236 -33.90 -9.29 -7.40
CA ASN A 236 -34.98 -10.09 -7.98
C ASN A 236 -34.97 -11.57 -7.65
N ASP A 237 -33.92 -12.03 -6.97
CA ASP A 237 -33.90 -13.44 -6.59
C ASP A 237 -34.59 -13.49 -5.21
N ALA A 238 -35.02 -14.68 -4.79
CA ALA A 238 -35.67 -14.83 -3.51
C ALA A 238 -34.96 -15.87 -2.68
N ILE A 239 -35.04 -15.73 -1.36
CA ILE A 239 -34.42 -16.68 -0.45
C ILE A 239 -35.53 -17.33 0.37
N ASN A 240 -35.50 -18.65 0.48
CA ASN A 240 -36.51 -19.34 1.26
C ASN A 240 -35.93 -20.05 2.47
N PHE A 241 -36.50 -19.77 3.64
CA PHE A 241 -36.08 -20.40 4.87
C PHE A 241 -37.18 -21.30 5.42
N GLU A 242 -36.78 -22.48 5.87
CA GLU A 242 -37.70 -23.41 6.51
C GLU A 242 -36.94 -24.06 7.65
N SER A 243 -37.62 -24.22 8.79
CA SER A 243 -36.98 -24.80 9.96
C SER A 243 -38.00 -25.14 11.05
N ASN A 244 -37.78 -26.26 11.72
CA ASN A 244 -38.66 -26.64 12.81
C ASN A 244 -37.87 -26.51 14.13
N GLY A 245 -36.88 -25.62 14.12
CA GLY A 245 -36.06 -25.38 15.30
C GLY A 245 -34.56 -25.14 15.11
N ASN A 246 -33.95 -24.42 16.06
CA ASN A 246 -32.51 -24.12 16.04
C ASN A 246 -32.11 -23.00 15.09
N PHE A 247 -33.11 -22.39 14.48
CA PHE A 247 -32.92 -21.32 13.51
C PHE A 247 -32.59 -19.98 14.18
N ILE A 248 -31.54 -19.33 13.71
CA ILE A 248 -31.18 -18.02 14.20
C ILE A 248 -31.49 -17.21 12.93
N ALA A 249 -32.73 -16.73 12.84
CA ALA A 249 -33.21 -16.00 11.68
C ALA A 249 -32.73 -14.58 11.47
N PRO A 250 -32.64 -14.16 10.20
CA PRO A 250 -32.20 -12.82 9.86
C PRO A 250 -33.22 -11.76 10.27
N GLU A 251 -32.75 -10.56 10.54
CA GLU A 251 -33.66 -9.45 10.78
C GLU A 251 -33.14 -8.38 9.84
N TYR A 252 -31.88 -8.01 10.03
CA TYR A 252 -31.25 -7.02 9.18
C TYR A 252 -30.28 -7.68 8.20
N ALA A 253 -30.16 -7.10 7.01
CA ALA A 253 -29.26 -7.61 5.98
C ALA A 253 -28.58 -6.36 5.44
N TYR A 254 -27.66 -6.53 4.50
CA TYR A 254 -26.97 -5.37 3.97
C TYR A 254 -26.98 -5.21 2.46
N LYS A 255 -27.31 -4.02 1.99
CA LYS A 255 -27.29 -3.71 0.57
C LYS A 255 -25.84 -3.40 0.27
N ILE A 256 -25.29 -4.04 -0.75
CA ILE A 256 -23.90 -3.86 -1.11
C ILE A 256 -23.67 -2.80 -2.18
N VAL A 257 -22.80 -1.83 -1.86
CA VAL A 257 -22.45 -0.76 -2.79
C VAL A 257 -20.99 -0.95 -3.22
N LYS A 258 -20.82 -1.48 -4.41
CA LYS A 258 -19.49 -1.75 -4.96
C LYS A 258 -18.80 -0.50 -5.50
N LYS A 259 -18.75 0.58 -4.73
CA LYS A 259 -18.04 1.77 -5.22
C LYS A 259 -16.63 1.25 -5.48
N GLY A 260 -16.46 -0.04 -5.14
CA GLY A 260 -15.23 -0.78 -5.32
C GLY A 260 -13.90 -0.09 -5.17
N GLY A 261 -13.08 -0.63 -4.27
CA GLY A 261 -11.78 -0.06 -4.04
C GLY A 261 -11.64 0.21 -2.56
N SER A 262 -11.40 -0.86 -1.82
CA SER A 262 -11.24 -0.75 -0.38
C SER A 262 -10.08 -1.64 0.08
N ALA A 263 -10.04 -1.98 1.36
CA ALA A 263 -9.00 -2.83 1.90
C ALA A 263 -9.19 -3.00 3.39
N ILE A 264 -8.86 -4.19 3.90
CA ILE A 264 -8.97 -4.46 5.33
C ILE A 264 -7.55 -4.40 5.84
N MET A 265 -7.25 -3.29 6.50
CA MET A 265 -5.94 -3.02 7.04
C MET A 265 -5.87 -3.44 8.50
N LYS A 266 -4.79 -4.15 8.86
CA LYS A 266 -4.60 -4.59 10.24
C LYS A 266 -3.75 -3.57 10.98
N SER A 267 -4.33 -2.94 12.01
CA SER A 267 -3.61 -1.93 12.77
C SER A 267 -4.25 -1.64 14.12
N GLY A 268 -3.43 -1.22 15.07
CA GLY A 268 -3.94 -0.89 16.39
C GLY A 268 -4.16 0.61 16.57
N LEU A 269 -3.84 1.39 15.55
CA LEU A 269 -4.00 2.84 15.61
C LEU A 269 -5.46 3.21 15.51
N GLU A 270 -5.77 4.43 15.93
CA GLU A 270 -7.14 4.92 15.88
C GLU A 270 -7.15 6.03 14.85
N TYR A 271 -8.28 6.71 14.67
CA TYR A 271 -8.38 7.78 13.68
C TYR A 271 -7.56 9.01 14.12
N GLY A 272 -6.71 9.51 13.21
CA GLY A 272 -5.87 10.66 13.53
C GLY A 272 -6.33 12.02 13.01
N ASN A 273 -7.58 12.13 12.62
CA ASN A 273 -8.11 13.40 12.15
C ASN A 273 -7.18 14.11 11.21
N CYS A 274 -6.93 13.50 10.06
CA CYS A 274 -6.03 14.04 9.06
C CYS A 274 -6.49 13.50 7.72
N ASN A 275 -5.95 14.06 6.65
CA ASN A 275 -6.31 13.61 5.31
C ASN A 275 -5.05 13.32 4.52
N THR A 276 -5.09 12.26 3.71
CA THR A 276 -3.95 11.86 2.91
C THR A 276 -4.38 11.28 1.56
N LYS A 277 -3.42 10.99 0.70
CA LYS A 277 -3.75 10.40 -0.59
C LYS A 277 -3.15 9.00 -0.62
N CYS A 278 -2.24 8.73 0.33
CA CYS A 278 -1.58 7.44 0.44
C CYS A 278 -1.55 6.96 1.90
N GLN A 279 -2.16 5.81 2.19
CA GLN A 279 -2.21 5.29 3.55
C GLN A 279 -1.64 3.89 3.77
N THR A 280 -0.80 3.75 4.79
CA THR A 280 -0.23 2.45 5.16
C THR A 280 -0.73 2.16 6.57
N PRO A 281 -0.68 0.91 7.00
CA PRO A 281 -1.15 0.56 8.35
C PRO A 281 -0.36 1.24 9.48
N MET A 282 0.80 1.80 9.15
CA MET A 282 1.66 2.44 10.14
C MET A 282 1.50 3.95 10.17
N GLY A 283 0.97 4.51 9.08
CA GLY A 283 0.80 5.94 9.01
C GLY A 283 0.69 6.39 7.56
N ALA A 284 0.26 7.64 7.36
CA ALA A 284 0.10 8.15 6.02
C ALA A 284 1.40 8.59 5.38
N ILE A 285 1.38 8.74 4.05
CA ILE A 285 2.53 9.15 3.27
C ILE A 285 2.18 10.32 2.36
N ASN A 286 3.01 11.35 2.37
CA ASN A 286 2.81 12.49 1.50
C ASN A 286 4.16 12.85 0.90
N SER A 287 4.42 12.39 -0.32
CA SER A 287 5.70 12.65 -0.93
C SER A 287 5.72 12.51 -2.45
N SER A 288 6.75 13.10 -3.06
CA SER A 288 6.93 13.05 -4.50
C SER A 288 7.89 11.94 -4.91
N MET A 289 8.57 11.37 -3.92
CA MET A 289 9.52 10.29 -4.16
C MET A 289 8.88 9.15 -4.94
N PRO A 290 9.62 8.55 -5.88
CA PRO A 290 9.03 7.45 -6.63
C PRO A 290 8.93 6.17 -5.80
N PHE A 291 9.77 6.05 -4.77
CA PHE A 291 9.76 4.87 -3.89
C PHE A 291 9.56 5.21 -2.41
N HIS A 292 9.26 4.17 -1.63
CA HIS A 292 9.07 4.30 -0.19
C HIS A 292 9.30 2.93 0.43
N ASN A 293 9.75 2.89 1.68
CA ASN A 293 10.00 1.61 2.34
C ASN A 293 9.25 1.53 3.67
N ILE A 294 8.10 2.18 3.75
CA ILE A 294 7.29 2.17 4.97
C ILE A 294 6.67 0.81 5.28
N HIS A 295 5.77 0.38 4.40
CA HIS A 295 5.06 -0.88 4.54
C HIS A 295 4.54 -1.25 3.14
N PRO A 296 4.47 -2.56 2.83
CA PRO A 296 3.99 -3.05 1.52
C PRO A 296 2.48 -3.01 1.26
N LEU A 297 1.69 -3.03 2.32
CA LEU A 297 0.24 -3.00 2.19
C LEU A 297 -0.29 -1.57 2.29
N THR A 298 -0.44 -0.91 1.15
CA THR A 298 -0.92 0.46 1.14
C THR A 298 -2.14 0.66 0.28
N ILE A 299 -2.83 1.77 0.48
CA ILE A 299 -4.00 2.07 -0.33
C ILE A 299 -3.97 3.53 -0.76
N GLY A 300 -4.35 3.76 -2.01
CA GLY A 300 -4.37 5.10 -2.56
C GLY A 300 -3.24 5.27 -3.55
N GLU A 301 -3.01 6.50 -3.96
CA GLU A 301 -1.95 6.80 -4.92
C GLU A 301 -0.63 6.90 -4.15
N CYS A 302 0.18 5.85 -4.21
CA CYS A 302 1.43 5.79 -3.47
C CYS A 302 2.71 5.55 -4.28
N PRO A 303 3.88 5.75 -3.64
CA PRO A 303 5.17 5.54 -4.32
C PRO A 303 5.31 4.01 -4.37
N LYS A 304 6.25 3.51 -5.14
CA LYS A 304 6.46 2.06 -5.23
C LYS A 304 7.21 1.61 -3.99
N TYR A 305 6.77 0.49 -3.40
CA TYR A 305 7.42 -0.02 -2.20
C TYR A 305 8.60 -0.95 -2.50
N VAL A 306 9.68 -0.77 -1.76
CA VAL A 306 10.90 -1.57 -1.87
C VAL A 306 11.46 -1.74 -0.46
N LYS A 307 12.29 -2.75 -0.24
CA LYS A 307 12.83 -2.99 1.09
C LYS A 307 14.08 -2.17 1.35
N SER A 308 14.55 -1.46 0.34
CA SER A 308 15.75 -0.67 0.45
C SER A 308 15.78 0.27 1.66
N GLY A 309 16.98 0.46 2.22
CA GLY A 309 17.14 1.35 3.33
C GLY A 309 17.64 2.67 2.80
N ARG A 310 18.29 2.61 1.64
CA ARG A 310 18.85 3.78 0.99
C ARG A 310 18.77 3.62 -0.53
N LEU A 311 18.38 4.69 -1.22
CA LEU A 311 18.26 4.65 -2.67
C LEU A 311 18.54 6.05 -3.23
N VAL A 312 19.79 6.29 -3.61
CA VAL A 312 20.18 7.59 -4.12
C VAL A 312 20.82 7.54 -5.52
N LEU A 313 20.30 8.36 -6.43
CA LEU A 313 20.81 8.43 -7.79
C LEU A 313 21.83 9.54 -7.92
N ALA A 314 22.90 9.26 -8.66
CA ALA A 314 23.93 10.26 -8.89
C ALA A 314 23.39 11.12 -10.03
N THR A 315 23.61 12.42 -9.94
CA THR A 315 23.18 13.34 -11.00
C THR A 315 24.41 14.11 -11.45
N GLY A 316 25.13 14.67 -10.48
CA GLY A 316 26.33 15.41 -10.80
C GLY A 316 27.50 14.45 -11.00
N LEU A 317 28.72 14.96 -10.97
CA LEU A 317 29.90 14.12 -11.16
C LEU A 317 30.63 13.86 -9.85
N ARG A 318 31.68 13.06 -9.92
CA ARG A 318 32.48 12.75 -8.74
C ARG A 318 33.06 14.07 -8.20
N ASN A 319 32.91 14.29 -6.90
CA ASN A 319 33.39 15.52 -6.27
C ASN A 319 34.85 15.40 -5.84
N VAL A 320 35.74 15.98 -6.64
CA VAL A 320 37.18 15.93 -6.36
C VAL A 320 37.71 17.26 -5.78
N PRO A 321 38.25 17.21 -4.55
CA PRO A 321 38.78 18.40 -3.87
C PRO A 321 39.79 19.17 -4.73
N GLY B 1 38.93 7.43 -14.07
CA GLY B 1 37.55 7.19 -14.55
C GLY B 1 37.71 6.44 -15.86
N LEU B 2 36.63 5.91 -16.44
CA LEU B 2 36.73 5.17 -17.69
C LEU B 2 37.37 5.98 -18.83
N PHE B 3 37.11 7.29 -18.87
CA PHE B 3 37.67 8.14 -19.91
C PHE B 3 38.91 8.92 -19.46
N GLY B 4 39.42 8.55 -18.29
CA GLY B 4 40.64 9.14 -17.74
C GLY B 4 40.75 10.62 -17.45
N ALA B 5 39.67 11.38 -17.57
CA ALA B 5 39.75 12.81 -17.32
C ALA B 5 39.55 13.19 -15.85
N ILE B 6 38.29 13.16 -15.41
CA ILE B 6 37.95 13.48 -14.03
C ILE B 6 38.80 12.64 -13.08
N ALA B 7 39.49 13.31 -12.16
CA ALA B 7 40.36 12.62 -11.22
C ALA B 7 41.34 11.77 -12.02
N GLY B 8 41.73 12.28 -13.19
CA GLY B 8 42.66 11.59 -14.07
C GLY B 8 43.76 12.51 -14.55
N PHE B 9 43.79 12.80 -15.85
CA PHE B 9 44.84 13.69 -16.36
C PHE B 9 44.54 15.12 -15.94
N ILE B 10 43.34 15.34 -15.39
CA ILE B 10 42.92 16.63 -14.86
C ILE B 10 42.66 16.26 -13.40
N GLU B 11 43.73 16.24 -12.60
CA GLU B 11 43.69 15.85 -11.20
C GLU B 11 42.56 16.27 -10.27
N GLY B 12 42.10 17.51 -10.36
CA GLY B 12 41.03 17.94 -9.46
C GLY B 12 39.95 18.79 -10.08
N GLY B 13 38.95 19.13 -9.27
CA GLY B 13 37.84 19.95 -9.74
C GLY B 13 38.03 21.41 -9.34
N TRP B 14 37.25 22.31 -9.92
CA TRP B 14 37.37 23.73 -9.59
C TRP B 14 36.25 24.26 -8.74
N GLN B 15 36.53 24.47 -7.46
CA GLN B 15 35.54 24.99 -6.54
C GLN B 15 35.10 26.37 -7.00
N GLY B 16 35.97 27.07 -7.73
CA GLY B 16 35.66 28.41 -8.18
C GLY B 16 34.74 28.53 -9.37
N MET B 17 34.42 27.41 -10.01
CA MET B 17 33.53 27.43 -11.16
C MET B 17 32.14 26.98 -10.75
N VAL B 18 31.30 27.93 -10.37
CA VAL B 18 29.94 27.62 -9.95
C VAL B 18 28.94 27.88 -11.07
N ASP B 19 29.45 28.16 -12.27
CA ASP B 19 28.57 28.44 -13.40
C ASP B 19 28.09 27.16 -14.11
N GLY B 20 28.70 26.01 -13.79
CA GLY B 20 28.29 24.78 -14.44
C GLY B 20 29.15 23.57 -14.09
N TRP B 21 28.95 22.45 -14.81
CA TRP B 21 29.71 21.23 -14.55
C TRP B 21 31.08 21.17 -15.22
N TYR B 22 31.17 21.67 -16.45
CA TYR B 22 32.44 21.68 -17.18
C TYR B 22 32.71 23.08 -17.69
N GLY B 23 33.99 23.48 -17.73
CA GLY B 23 34.31 24.81 -18.20
C GLY B 23 35.79 25.10 -18.36
N TYR B 24 36.12 26.39 -18.42
CA TYR B 24 37.51 26.81 -18.62
C TYR B 24 38.04 27.74 -17.53
N HIS B 25 39.36 27.92 -17.54
CA HIS B 25 40.05 28.82 -16.62
C HIS B 25 41.22 29.36 -17.42
N HIS B 26 41.11 30.62 -17.85
CA HIS B 26 42.16 31.25 -18.65
C HIS B 26 43.13 32.05 -17.80
N SER B 27 44.21 32.50 -18.44
CA SER B 27 45.24 33.27 -17.75
C SER B 27 46.07 34.05 -18.77
N ASN B 28 45.91 35.36 -18.78
CA ASN B 28 46.66 36.21 -19.71
C ASN B 28 47.05 37.55 -19.06
N GLU B 29 47.34 38.54 -19.91
CA GLU B 29 47.73 39.86 -19.45
C GLU B 29 46.61 40.52 -18.65
N GLN B 30 45.46 40.67 -19.28
CA GLN B 30 44.29 41.29 -18.64
C GLN B 30 43.92 40.63 -17.31
N GLY B 31 44.12 39.32 -17.20
CA GLY B 31 43.79 38.63 -15.97
C GLY B 31 43.44 37.17 -16.16
N SER B 32 42.65 36.62 -15.23
CA SER B 32 42.24 35.22 -15.29
C SER B 32 40.82 35.02 -14.76
N GLY B 33 40.32 33.79 -14.85
CA GLY B 33 38.98 33.52 -14.36
C GLY B 33 38.35 32.22 -14.86
N TYR B 34 37.27 31.80 -14.21
CA TYR B 34 36.57 30.57 -14.59
C TYR B 34 35.33 30.93 -15.41
N ALA B 35 34.96 30.04 -16.32
CA ALA B 35 33.79 30.25 -17.16
C ALA B 35 33.25 28.90 -17.59
N ALA B 36 32.10 28.54 -17.04
CA ALA B 36 31.47 27.28 -17.36
C ALA B 36 31.00 27.23 -18.81
N ASP B 37 31.15 26.06 -19.43
CA ASP B 37 30.73 25.86 -20.80
C ASP B 37 29.25 25.54 -20.71
N LYS B 38 28.41 26.47 -21.16
CA LYS B 38 26.96 26.28 -21.12
C LYS B 38 26.40 25.23 -22.09
N GLU B 39 27.07 25.02 -23.21
CA GLU B 39 26.61 24.06 -24.19
C GLU B 39 26.67 22.62 -23.67
N SER B 40 27.88 22.15 -23.36
CA SER B 40 28.05 20.80 -22.85
C SER B 40 27.33 20.58 -21.51
N THR B 41 27.42 21.57 -20.62
CA THR B 41 26.78 21.46 -19.31
C THR B 41 25.28 21.21 -19.44
N GLN B 42 24.62 22.02 -20.27
CA GLN B 42 23.19 21.88 -20.48
C GLN B 42 22.88 20.56 -21.19
N LYS B 43 23.79 20.13 -22.05
CA LYS B 43 23.59 18.89 -22.79
C LYS B 43 23.64 17.73 -21.80
N ALA B 44 24.46 17.89 -20.77
CA ALA B 44 24.58 16.86 -19.74
C ALA B 44 23.33 16.90 -18.86
N ILE B 45 22.90 18.10 -18.50
CA ILE B 45 21.72 18.26 -17.66
C ILE B 45 20.51 17.58 -18.28
N ASP B 46 20.29 17.81 -19.57
CA ASP B 46 19.15 17.20 -20.25
C ASP B 46 19.25 15.67 -20.20
N GLY B 47 20.45 15.16 -20.43
CA GLY B 47 20.68 13.72 -20.42
C GLY B 47 20.39 13.09 -19.06
N THR B 48 20.95 13.67 -18.01
CA THR B 48 20.71 13.14 -16.67
C THR B 48 19.23 13.24 -16.28
N THR B 49 18.59 14.36 -16.61
CA THR B 49 17.18 14.55 -16.28
C THR B 49 16.34 13.46 -16.94
N ASN B 50 16.61 13.18 -18.20
CA ASN B 50 15.88 12.14 -18.93
C ASN B 50 16.13 10.77 -18.31
N LYS B 51 17.35 10.57 -17.81
CA LYS B 51 17.70 9.30 -17.19
C LYS B 51 16.88 9.09 -15.92
N VAL B 52 16.86 10.11 -15.07
CA VAL B 52 16.11 10.02 -13.81
C VAL B 52 14.66 9.73 -14.10
N ASN B 53 14.08 10.44 -15.07
CA ASN B 53 12.69 10.25 -15.43
C ASN B 53 12.44 8.86 -16.00
N SER B 54 13.36 8.36 -16.82
CA SER B 54 13.19 7.03 -17.39
C SER B 54 13.20 5.97 -16.30
N ILE B 55 14.15 6.08 -15.38
CA ILE B 55 14.27 5.15 -14.28
C ILE B 55 12.96 5.08 -13.50
N ILE B 56 12.44 6.25 -13.12
CA ILE B 56 11.19 6.30 -12.38
C ILE B 56 10.05 5.67 -13.18
N ASP B 57 9.81 6.19 -14.38
CA ASP B 57 8.74 5.69 -15.24
C ASP B 57 8.79 4.17 -15.50
N LYS B 58 9.99 3.60 -15.52
CA LYS B 58 10.12 2.16 -15.73
C LYS B 58 9.74 1.39 -14.48
N MET B 59 9.70 2.11 -13.36
CA MET B 59 9.34 1.51 -12.07
C MET B 59 7.94 1.93 -11.68
N ASN B 60 7.03 1.91 -12.65
CA ASN B 60 5.65 2.31 -12.41
C ASN B 60 4.68 1.13 -12.45
N THR B 61 5.17 -0.04 -12.86
CA THR B 61 4.33 -1.23 -12.94
C THR B 61 4.72 -2.27 -11.91
N GLN B 62 5.52 -1.87 -10.92
CA GLN B 62 5.96 -2.78 -9.88
C GLN B 62 4.75 -3.49 -9.24
N PHE B 63 5.02 -4.60 -8.56
CA PHE B 63 3.98 -5.36 -7.89
C PHE B 63 3.36 -4.55 -6.74
N GLU B 64 2.14 -4.90 -6.37
CA GLU B 64 1.45 -4.25 -5.27
C GLU B 64 0.76 -5.31 -4.39
N ALA B 65 1.19 -5.39 -3.14
CA ALA B 65 0.63 -6.37 -2.20
C ALA B 65 -0.84 -6.11 -1.88
N VAL B 66 -1.59 -7.17 -1.62
CA VAL B 66 -3.01 -7.08 -1.29
C VAL B 66 -3.29 -7.90 -0.03
N GLY B 67 -4.03 -7.31 0.92
CA GLY B 67 -4.32 -8.01 2.17
C GLY B 67 -5.35 -9.13 2.08
N LYS B 68 -4.96 -10.33 2.52
CA LYS B 68 -5.84 -11.49 2.50
C LYS B 68 -5.71 -12.25 3.81
N GLU B 69 -6.78 -12.91 4.23
CA GLU B 69 -6.72 -13.68 5.46
C GLU B 69 -7.01 -15.15 5.21
N PHE B 70 -6.46 -15.99 6.07
CA PHE B 70 -6.61 -17.45 5.97
C PHE B 70 -6.87 -18.05 7.36
N ASN B 71 -7.68 -19.11 7.40
CA ASN B 71 -7.97 -19.74 8.68
C ASN B 71 -6.88 -20.77 9.03
N ASN B 72 -7.02 -21.38 10.20
CA ASN B 72 -6.06 -22.36 10.71
C ASN B 72 -5.81 -23.58 9.83
N LEU B 73 -6.74 -23.92 8.94
CA LEU B 73 -6.56 -25.07 8.07
C LEU B 73 -6.26 -24.65 6.62
N GLU B 74 -5.72 -23.45 6.47
CA GLU B 74 -5.36 -22.93 5.16
C GLU B 74 -3.93 -22.42 5.25
N ARG B 75 -3.10 -23.11 6.02
CA ARG B 75 -1.71 -22.70 6.20
C ARG B 75 -0.91 -22.84 4.91
N ARG B 76 -1.21 -23.84 4.10
CA ARG B 76 -0.46 -24.02 2.84
C ARG B 76 -0.68 -22.86 1.88
N ILE B 77 -1.93 -22.47 1.64
CA ILE B 77 -2.19 -21.37 0.72
C ILE B 77 -1.76 -20.03 1.33
N GLU B 78 -1.84 -19.91 2.66
CA GLU B 78 -1.40 -18.67 3.31
C GLU B 78 0.09 -18.50 3.03
N ASN B 79 0.85 -19.56 3.17
CA ASN B 79 2.30 -19.49 2.93
C ASN B 79 2.61 -19.25 1.45
N LEU B 80 1.81 -19.83 0.56
CA LEU B 80 1.99 -19.66 -0.88
C LEU B 80 1.78 -18.17 -1.15
N ASN B 81 0.76 -17.61 -0.52
CA ASN B 81 0.43 -16.20 -0.67
C ASN B 81 1.57 -15.34 -0.16
N LYS B 82 2.09 -15.68 1.01
CA LYS B 82 3.17 -14.93 1.60
C LYS B 82 4.45 -15.01 0.78
N LYS B 83 4.81 -16.21 0.33
CA LYS B 83 6.02 -16.39 -0.46
C LYS B 83 5.93 -15.63 -1.78
N MET B 84 4.74 -15.61 -2.36
CA MET B 84 4.53 -14.93 -3.60
C MET B 84 4.69 -13.40 -3.49
N GLU B 85 4.04 -12.79 -2.49
CA GLU B 85 4.12 -11.35 -2.28
C GLU B 85 5.54 -10.92 -1.89
N ASP B 86 6.19 -11.69 -1.03
CA ASP B 86 7.58 -11.38 -0.63
C ASP B 86 8.43 -11.58 -1.88
N GLY B 87 8.11 -12.64 -2.62
CA GLY B 87 8.85 -12.95 -3.84
C GLY B 87 8.96 -11.78 -4.79
N PHE B 88 7.82 -11.14 -5.09
CA PHE B 88 7.80 -10.00 -5.99
C PHE B 88 8.42 -8.74 -5.37
N LEU B 89 8.26 -8.58 -4.07
CA LEU B 89 8.84 -7.42 -3.38
C LEU B 89 10.35 -7.53 -3.47
N ASP B 90 10.88 -8.75 -3.33
CA ASP B 90 12.31 -8.93 -3.41
C ASP B 90 12.83 -8.72 -4.83
N VAL B 91 12.02 -9.06 -5.83
CA VAL B 91 12.40 -8.89 -7.23
C VAL B 91 12.47 -7.41 -7.62
N TRP B 92 11.44 -6.66 -7.26
CA TRP B 92 11.42 -5.24 -7.57
C TRP B 92 12.42 -4.43 -6.76
N THR B 93 12.70 -4.89 -5.54
CA THR B 93 13.68 -4.21 -4.70
C THR B 93 15.04 -4.42 -5.36
N TYR B 94 15.25 -5.62 -5.88
CA TYR B 94 16.48 -5.97 -6.58
C TYR B 94 16.58 -5.11 -7.84
N ASN B 95 15.47 -5.00 -8.57
CA ASN B 95 15.44 -4.22 -9.78
C ASN B 95 15.76 -2.75 -9.52
N ALA B 96 15.14 -2.18 -8.49
CA ALA B 96 15.37 -0.78 -8.11
C ALA B 96 16.82 -0.55 -7.72
N GLU B 97 17.33 -1.38 -6.84
CA GLU B 97 18.72 -1.23 -6.40
C GLU B 97 19.77 -1.45 -7.48
N LEU B 98 19.62 -2.50 -8.29
CA LEU B 98 20.59 -2.77 -9.34
C LEU B 98 20.59 -1.69 -10.42
N LEU B 99 19.41 -1.25 -10.84
CA LEU B 99 19.30 -0.23 -11.87
C LEU B 99 19.99 1.05 -11.45
N VAL B 100 19.85 1.40 -10.17
CA VAL B 100 20.45 2.60 -9.63
C VAL B 100 21.96 2.44 -9.58
N LEU B 101 22.39 1.26 -9.18
CA LEU B 101 23.82 0.97 -9.09
C LEU B 101 24.46 1.05 -10.47
N MET B 102 23.88 0.38 -11.45
CA MET B 102 24.45 0.38 -12.78
C MET B 102 24.44 1.76 -13.43
N GLU B 103 23.30 2.46 -13.34
CA GLU B 103 23.19 3.79 -13.92
C GLU B 103 24.04 4.83 -13.21
N ASN B 104 24.25 4.66 -11.91
CA ASN B 104 25.09 5.61 -11.18
C ASN B 104 26.48 5.53 -11.78
N GLU B 105 26.92 4.31 -12.07
CA GLU B 105 28.25 4.14 -12.66
C GLU B 105 28.31 4.78 -14.04
N ARG B 106 27.27 4.56 -14.84
CA ARG B 106 27.25 5.14 -16.17
C ARG B 106 27.20 6.66 -16.12
N THR B 107 26.52 7.19 -15.12
CA THR B 107 26.41 8.63 -14.94
C THR B 107 27.80 9.24 -14.66
N LEU B 108 28.61 8.56 -13.86
CA LEU B 108 29.94 9.07 -13.57
C LEU B 108 30.83 9.00 -14.81
N ASP B 109 30.72 7.92 -15.59
CA ASP B 109 31.54 7.80 -16.80
C ASP B 109 31.03 8.79 -17.86
N PHE B 110 29.73 9.07 -17.83
CA PHE B 110 29.12 10.01 -18.77
C PHE B 110 29.77 11.39 -18.57
N HIS B 111 29.82 11.85 -17.33
CA HIS B 111 30.43 13.13 -16.99
C HIS B 111 31.90 13.14 -17.39
N ASP B 112 32.56 12.02 -17.12
CA ASP B 112 33.97 11.86 -17.42
C ASP B 112 34.21 12.00 -18.92
N SER B 113 33.33 11.39 -19.70
CA SER B 113 33.39 11.42 -21.16
C SER B 113 33.15 12.83 -21.70
N ASN B 114 32.25 13.55 -21.06
CA ASN B 114 31.93 14.92 -21.48
C ASN B 114 33.14 15.83 -21.32
N VAL B 115 33.84 15.68 -20.19
CA VAL B 115 35.02 16.49 -19.92
C VAL B 115 36.12 16.18 -20.94
N LYS B 116 36.31 14.88 -21.19
CA LYS B 116 37.31 14.39 -22.12
C LYS B 116 37.07 14.90 -23.54
N ASN B 117 35.80 14.93 -23.94
CA ASN B 117 35.45 15.38 -25.29
C ASN B 117 35.54 16.90 -25.42
N LEU B 118 35.28 17.62 -24.33
CA LEU B 118 35.35 19.07 -24.35
C LEU B 118 36.84 19.42 -24.50
N TYR B 119 37.68 18.69 -23.76
CA TYR B 119 39.12 18.89 -23.81
C TYR B 119 39.62 18.63 -25.23
N ASP B 120 39.28 17.47 -25.79
CA ASP B 120 39.71 17.11 -27.13
C ASP B 120 39.24 18.13 -28.17
N LYS B 121 38.04 18.67 -27.99
CA LYS B 121 37.52 19.65 -28.93
C LYS B 121 38.45 20.86 -28.94
N VAL B 122 38.82 21.31 -27.74
CA VAL B 122 39.71 22.45 -27.61
C VAL B 122 41.08 22.13 -28.21
N ARG B 123 41.62 20.96 -27.87
CA ARG B 123 42.92 20.55 -28.39
C ARG B 123 42.98 20.67 -29.91
N LEU B 124 41.93 20.22 -30.58
CA LEU B 124 41.86 20.28 -32.04
C LEU B 124 41.86 21.72 -32.53
N GLN B 125 41.21 22.60 -31.78
CA GLN B 125 41.16 24.01 -32.13
C GLN B 125 42.58 24.57 -32.09
N LEU B 126 43.17 24.57 -30.91
CA LEU B 126 44.53 25.09 -30.73
C LEU B 126 45.53 24.18 -31.41
N ARG B 127 45.27 23.83 -32.67
CA ARG B 127 46.13 22.95 -33.44
C ARG B 127 47.60 23.10 -33.04
N ASP B 128 48.31 24.03 -33.70
CA ASP B 128 49.72 24.26 -33.41
C ASP B 128 49.96 25.59 -32.70
N ASN B 129 48.89 26.32 -32.43
CA ASN B 129 49.02 27.63 -31.78
C ASN B 129 49.20 27.57 -30.26
N ALA B 130 49.07 26.38 -29.67
CA ALA B 130 49.22 26.23 -28.24
C ALA B 130 49.97 24.96 -27.82
N LYS B 131 50.54 25.00 -26.62
CA LYS B 131 51.30 23.86 -26.09
C LYS B 131 50.50 23.08 -25.06
N GLU B 132 50.41 21.76 -25.26
CA GLU B 132 49.67 20.89 -24.36
C GLU B 132 50.51 20.52 -23.15
N LEU B 133 50.16 21.08 -22.00
CA LEU B 133 50.88 20.82 -20.77
C LEU B 133 50.58 19.44 -20.17
N GLY B 134 49.57 18.78 -20.71
CA GLY B 134 49.20 17.46 -20.23
C GLY B 134 48.56 17.43 -18.85
N ASN B 135 47.93 18.52 -18.45
CA ASN B 135 47.30 18.60 -17.14
C ASN B 135 45.90 19.18 -17.32
N GLY B 136 45.49 19.30 -18.58
CA GLY B 136 44.19 19.84 -18.92
C GLY B 136 44.32 21.27 -19.40
N CYS B 137 45.55 21.77 -19.37
CA CYS B 137 45.83 23.14 -19.77
C CYS B 137 46.60 23.27 -21.08
N PHE B 138 46.46 24.45 -21.69
CA PHE B 138 47.14 24.76 -22.94
C PHE B 138 47.83 26.11 -22.79
N GLU B 139 49.14 26.15 -23.03
CA GLU B 139 49.90 27.38 -22.94
C GLU B 139 50.24 27.88 -24.33
N PHE B 140 49.65 29.00 -24.72
CA PHE B 140 49.89 29.56 -26.04
C PHE B 140 51.35 29.96 -26.21
N TYR B 141 51.81 29.97 -27.46
CA TYR B 141 53.18 30.35 -27.78
C TYR B 141 53.27 31.87 -27.76
N HIS B 142 52.45 32.49 -28.60
CA HIS B 142 52.40 33.93 -28.71
C HIS B 142 51.17 34.40 -27.94
N LYS B 143 51.39 35.29 -26.98
CA LYS B 143 50.34 35.85 -26.13
C LYS B 143 48.93 35.79 -26.73
N CYS B 144 47.94 35.64 -25.84
CA CYS B 144 46.54 35.56 -26.21
C CYS B 144 45.70 36.29 -25.15
N ASP B 145 44.86 37.22 -25.59
CA ASP B 145 44.05 38.02 -24.66
C ASP B 145 42.58 37.61 -24.53
N ASN B 146 41.84 38.38 -23.73
CA ASN B 146 40.42 38.13 -23.48
C ASN B 146 39.60 37.95 -24.75
N GLU B 147 39.92 38.71 -25.79
CA GLU B 147 39.19 38.58 -27.04
C GLU B 147 39.59 37.25 -27.65
N CYS B 148 40.87 36.91 -27.53
CA CYS B 148 41.41 35.67 -28.06
C CYS B 148 40.85 34.48 -27.28
N MET B 149 40.79 34.63 -25.96
CA MET B 149 40.27 33.59 -25.08
C MET B 149 38.81 33.32 -25.44
N GLU B 150 38.02 34.39 -25.47
CA GLU B 150 36.60 34.28 -25.80
C GLU B 150 36.44 33.60 -27.15
N SER B 151 37.46 33.69 -28.00
CA SER B 151 37.42 33.09 -29.32
C SER B 151 37.36 31.57 -29.24
N VAL B 152 38.15 31.01 -28.32
CA VAL B 152 38.17 29.55 -28.14
C VAL B 152 36.82 29.07 -27.64
N LYS B 153 36.33 29.70 -26.58
CA LYS B 153 35.04 29.35 -25.99
C LYS B 153 33.93 29.62 -27.00
N ASN B 154 34.11 30.69 -27.78
CA ASN B 154 33.15 31.07 -28.81
C ASN B 154 33.07 29.93 -29.83
N GLY B 155 34.04 29.02 -29.75
CA GLY B 155 34.08 27.90 -30.68
C GLY B 155 34.36 28.43 -32.08
N THR B 156 34.47 29.75 -32.18
CA THR B 156 34.73 30.43 -33.45
C THR B 156 36.23 30.48 -33.74
N TYR B 157 37.05 30.30 -32.71
CA TYR B 157 38.50 30.35 -32.86
C TYR B 157 39.00 29.57 -34.07
N ASP B 158 39.76 30.25 -34.91
CA ASP B 158 40.33 29.69 -36.13
C ASP B 158 41.03 30.83 -36.84
N TYR B 159 42.27 30.59 -37.29
CA TYR B 159 43.04 31.62 -37.97
C TYR B 159 42.24 32.25 -39.12
N PRO B 160 41.29 31.50 -39.67
CA PRO B 160 40.45 31.97 -40.77
C PRO B 160 39.48 33.07 -40.30
C1 NAG C . -39.14 -11.38 -6.96
C2 NAG C . -39.31 -12.66 -7.79
C3 NAG C . -39.43 -12.31 -9.28
C4 NAG C . -40.42 -11.17 -9.57
C5 NAG C . -40.20 -10.00 -8.59
C6 NAG C . -41.27 -8.92 -8.70
C7 NAG C . -38.26 -14.79 -7.36
C8 NAG C . -37.04 -15.64 -7.68
N2 NAG C . -38.14 -13.49 -7.58
O3 NAG C . -39.83 -13.46 -10.01
O4 NAG C . -40.21 -10.70 -10.92
O5 NAG C . -40.21 -10.47 -7.23
O6 NAG C . -42.58 -9.46 -8.50
O7 NAG C . -39.28 -15.33 -6.91
C1 NAG C . -41.30 -10.37 -11.71
C2 NAG C . -40.79 -9.85 -13.06
C3 NAG C . -41.95 -9.69 -14.07
C4 NAG C . -42.76 -10.99 -14.15
C5 NAG C . -43.23 -11.37 -12.74
C6 NAG C . -44.00 -12.68 -12.74
C7 NAG C . -38.81 -8.50 -12.79
C8 NAG C . -38.23 -7.41 -11.90
N2 NAG C . -40.14 -8.57 -12.87
O3 NAG C . -41.41 -9.39 -15.35
O4 NAG C . -43.88 -10.80 -15.00
O5 NAG C . -42.09 -11.57 -11.88
O6 NAG C . -43.24 -13.72 -13.33
O7 NAG C . -38.06 -9.26 -13.42
C1 NAG D . 32.69 35.57 -30.33
C2 NAG D . 34.05 36.07 -29.83
C3 NAG D . 34.49 37.32 -30.61
C4 NAG D . 34.43 37.04 -32.13
C5 NAG D . 33.05 36.50 -32.51
C6 NAG D . 32.96 36.11 -33.98
C7 NAG D . 33.77 37.62 -27.98
C8 NAG D . 32.34 38.01 -27.60
N2 NAG D . 33.97 36.38 -28.40
O3 NAG D . 35.82 37.67 -30.24
O4 NAG D . 34.73 38.24 -32.91
O5 NAG D . 32.76 35.31 -31.75
O6 NAG D . 31.65 35.68 -34.32
O7 NAG D . 34.67 38.46 -27.89
C1 NAG D . 34.57 39.51 -32.35
C2 NAG D . 35.01 40.57 -33.37
C3 NAG D . 34.72 41.98 -32.83
C4 NAG D . 33.26 42.09 -32.39
C5 NAG D . 32.93 40.97 -31.40
C6 NAG D . 31.48 40.98 -30.95
C7 NAG D . 37.05 41.31 -34.43
C8 NAG D . 38.07 42.20 -33.74
N2 NAG D . 36.42 40.42 -33.68
O3 NAG D . 35.00 42.94 -33.82
O4 NAG D . 33.03 43.35 -31.79
O5 NAG D . 33.19 39.69 -32.01
O6 NAG D . 31.30 40.19 -29.79
O7 NAG D . 36.83 41.45 -35.63
C1 NAG E . 29.36 24.88 1.64
C2 NAG E . 28.17 25.65 1.04
C3 NAG E . 27.16 26.02 2.14
C4 NAG E . 26.77 24.78 2.94
C5 NAG E . 28.03 24.11 3.50
C6 NAG E . 27.71 22.83 4.25
C7 NAG E . 27.90 27.41 -0.58
C8 NAG E . 28.15 26.97 -2.02
N2 NAG E . 28.64 26.83 0.37
O3 NAG E . 26.00 26.59 1.55
O4 NAG E . 25.91 25.15 4.01
O5 NAG E . 28.92 23.75 2.41
O6 NAG E . 27.01 21.91 3.41
O7 NAG E . 27.05 28.26 -0.35
C1 NAG F . 29.71 4.15 3.38
C2 NAG F . 30.33 3.09 4.29
C3 NAG F . 29.41 2.95 5.50
C4 NAG F . 29.28 4.31 6.22
C5 NAG F . 28.83 5.40 5.22
C6 NAG F . 28.88 6.79 5.84
C7 NAG F . 31.66 1.35 3.30
C8 NAG F . 31.95 1.04 1.85
N2 NAG F . 30.45 1.83 3.59
O3 NAG F . 29.95 1.99 6.41
O4 NAG F . 28.33 4.21 7.27
O5 NAG F . 29.69 5.41 4.06
O6 NAG F . 27.77 7.01 6.68
O7 NAG F . 32.52 1.15 4.16
C1 NAG G . 1.79 17.26 1.11
C2 NAG G . 0.35 17.72 1.32
C3 NAG G . 0.06 18.93 0.42
C4 NAG G . 1.12 20.03 0.66
C5 NAG G . 2.54 19.46 0.52
C6 NAG G . 3.62 20.47 0.87
C7 NAG G . -1.21 16.01 1.99
C8 NAG G . -2.57 15.41 1.67
N2 NAG G . -0.57 16.64 1.01
O3 NAG G . -1.22 19.44 0.70
O4 NAG G . 0.93 21.09 -0.28
O5 NAG G . 2.71 18.32 1.40
O6 NAG G . 3.36 21.07 2.14
O7 NAG G . -0.75 15.88 3.13
C1 SIA H . -27.44 -18.44 28.92
C2 SIA H . -28.32 -19.45 29.65
C3 SIA H . -29.61 -18.76 30.10
C4 SIA H . -30.31 -18.20 28.86
C5 SIA H . -30.56 -19.32 27.83
C6 SIA H . -29.26 -20.09 27.53
C7 SIA H . -29.51 -21.30 26.61
C8 SIA H . -28.16 -21.87 26.15
C9 SIA H . -28.35 -22.97 25.12
C10 SIA H . -32.02 -19.43 25.94
C11 SIA H . -32.22 -19.08 24.47
N5 SIA H . -31.09 -18.76 26.61
O1A SIA H . -27.27 -17.32 29.43
O1B SIA H . -26.93 -18.76 27.82
O2 SIA H . -27.65 -19.99 30.75
O4 SIA H . -31.54 -17.59 29.22
O6 SIA H . -28.62 -20.53 28.75
O7 SIA H . -30.23 -22.30 27.31
O8 SIA H . -27.36 -20.84 25.60
O9 SIA H . -27.07 -23.43 24.69
O10 SIA H . -32.72 -20.29 26.46
#